data_7QUB
#
_entry.id   7QUB
#
_cell.length_a   122.336
_cell.length_b   122.336
_cell.length_c   122.336
_cell.angle_alpha   90.000
_cell.angle_beta   90.000
_cell.angle_gamma   90.000
#
_symmetry.space_group_name_H-M   'P 4 3 2'
#
loop_
_entity.id
_entity.type
_entity.pdbx_description
1 polymer 'Protease 3C'
2 non-polymer (1R,2S,5S)-N-{(2S,3R)-4-amino-3-hydroxy-4-oxo-1-[(3S)-2-oxopyrrolidin-3-yl]butan-2-yl}-3-[N-(tert-butylcarbamoyl)-3-methyl-L-valyl]-6,6-dimethyl-3-azabicyclo[3.1.0]hexane-2-carboxamide
3 non-polymer 'SODIUM ION'
4 water water
#
_entity_poly.entity_id   1
_entity_poly.type   'polypeptide(L)'
_entity_poly.pdbx_seq_one_letter_code
;PSLDFALSLLRRNIRQVQTDQGHFTMLGVRDHLAVLPRHSQPGKTIWVEHKLVRIVDAVELVDEQGVNLELTLVTLDTNE
KFRDITRFIPETISPASDATLVINTEHMPSMFVPVGDVVQYGFLNLSGKPTHRTMMYNFPTKAGQCGGVVTAVGKVIGIH
IGGNGRQGFCAALKRGYFCSEQ
;
_entity_poly.pdbx_strand_id   AAA
#
loop_
_chem_comp.id
_chem_comp.type
_chem_comp.name
_chem_comp.formula
I70 non-polymer (1R,2S,5S)-N-{(2S,3R)-4-amino-3-hydroxy-4-oxo-1-[(3S)-2-oxopyrrolidin-3-yl]butan-2-yl}-3-[N-(tert-butylcarbamoyl)-3-methyl-L-valyl]-6,6-dimethyl-3-azabicyclo[3.1.0]hexane-2-carboxamide 'C27 H46 N6 O6'
NA non-polymer 'SODIUM ION' 'Na 1'
#
# COMPACT_ATOMS: atom_id res chain seq x y z
N PRO A 1 12.91 17.01 -7.29
CA PRO A 1 11.75 16.66 -8.11
C PRO A 1 11.23 15.32 -7.60
N SER A 2 9.93 15.13 -7.60
CA SER A 2 9.30 14.06 -6.79
C SER A 2 9.51 12.70 -7.45
N LEU A 3 9.82 12.65 -8.75
CA LEU A 3 9.96 11.37 -9.47
C LEU A 3 11.18 10.66 -8.87
N ASP A 4 12.12 11.43 -8.32
CA ASP A 4 13.33 10.96 -7.61
C ASP A 4 12.94 10.07 -6.42
N PHE A 5 12.06 10.60 -5.56
CA PHE A 5 11.57 9.88 -4.36
C PHE A 5 10.81 8.62 -4.82
N ALA A 6 9.91 8.83 -5.79
CA ALA A 6 9.06 7.72 -6.30
C ALA A 6 9.98 6.63 -6.86
N LEU A 7 11.02 6.97 -7.60
CA LEU A 7 11.94 5.95 -8.19
C LEU A 7 12.63 5.19 -7.06
N SER A 8 13.18 5.92 -6.10
CA SER A 8 13.89 5.34 -4.94
C SER A 8 12.96 4.31 -4.25
N LEU A 9 11.73 4.70 -4.06
CA LEU A 9 10.75 3.84 -3.37
C LEU A 9 10.50 2.60 -4.22
N LEU A 10 10.36 2.77 -5.53
CA LEU A 10 10.09 1.66 -6.47
C LEU A 10 11.18 0.61 -6.29
N ARG A 11 12.43 1.08 -6.26
CA ARG A 11 13.59 0.16 -6.42
C ARG A 11 13.95 -0.49 -5.08
N ARG A 12 13.90 0.26 -4.00
CA ARG A 12 14.34 -0.21 -2.67
C ARG A 12 13.18 -0.82 -1.86
N ASN A 13 11.91 -0.43 -2.06
CA ASN A 13 10.82 -0.84 -1.13
C ASN A 13 9.64 -1.53 -1.81
N ILE A 14 9.46 -1.41 -3.12
CA ILE A 14 8.25 -1.94 -3.79
C ILE A 14 8.62 -3.23 -4.50
N ARG A 15 7.77 -4.25 -4.36
CA ARG A 15 7.98 -5.59 -4.99
C ARG A 15 6.70 -6.01 -5.72
N GLN A 16 6.84 -6.70 -6.83
CA GLN A 16 5.74 -7.40 -7.51
C GLN A 16 5.43 -8.64 -6.70
N VAL A 17 4.17 -8.90 -6.41
CA VAL A 17 3.84 -10.14 -5.68
C VAL A 17 2.65 -10.77 -6.39
N GLN A 18 2.45 -12.04 -6.12
CA GLN A 18 1.26 -12.78 -6.54
C GLN A 18 0.80 -13.67 -5.38
N THR A 19 -0.49 -13.64 -5.10
CA THR A 19 -1.14 -14.54 -4.12
C THR A 19 -2.16 -15.32 -4.93
N ASP A 20 -2.95 -16.18 -4.30
CA ASP A 20 -4.05 -16.88 -5.00
C ASP A 20 -5.10 -15.86 -5.44
N GLN A 21 -5.07 -14.64 -4.92
CA GLN A 21 -6.10 -13.64 -5.29
C GLN A 21 -5.63 -12.88 -6.52
N GLY A 22 -4.37 -12.97 -6.93
CA GLY A 22 -3.92 -12.21 -8.10
C GLY A 22 -2.61 -11.48 -7.87
N HIS A 23 -2.36 -10.53 -8.75
CA HIS A 23 -1.13 -9.72 -8.80
C HIS A 23 -1.34 -8.44 -8.00
N PHE A 24 -0.39 -8.08 -7.15
CA PHE A 24 -0.44 -6.86 -6.33
C PHE A 24 0.94 -6.23 -6.26
N THR A 25 0.97 -4.94 -5.94
CA THR A 25 2.19 -4.24 -5.52
C THR A 25 2.28 -4.42 -4.01
N MET A 26 3.45 -4.80 -3.50
CA MET A 26 3.73 -4.87 -2.06
C MET A 26 4.72 -3.77 -1.68
N LEU A 27 4.51 -3.12 -0.53
CA LEU A 27 5.47 -2.11 0.00
C LEU A 27 6.17 -2.71 1.21
N GLY A 28 7.47 -2.94 1.11
CA GLY A 28 8.32 -3.24 2.27
C GLY A 28 8.56 -1.94 3.01
N VAL A 29 8.34 -1.95 4.33
CA VAL A 29 8.42 -0.72 5.16
C VAL A 29 9.70 -0.65 6.01
N ARG A 30 10.13 -1.76 6.58
CA ARG A 30 11.38 -1.88 7.35
C ARG A 30 11.55 -3.34 7.72
N ASP A 31 12.78 -3.72 8.04
CA ASP A 31 13.12 -5.07 8.54
C ASP A 31 12.59 -6.05 7.49
N HIS A 32 11.79 -7.03 7.91
CA HIS A 32 11.15 -8.03 7.02
C HIS A 32 9.63 -7.78 6.99
N LEU A 33 9.22 -6.55 7.27
CA LEU A 33 7.79 -6.17 7.42
C LEU A 33 7.30 -5.52 6.13
N ALA A 34 6.18 -6.00 5.59
CA ALA A 34 5.61 -5.35 4.40
C ALA A 34 4.12 -5.16 4.57
N VAL A 35 3.54 -4.36 3.69
CA VAL A 35 2.09 -4.06 3.75
C VAL A 35 1.50 -4.35 2.37
N LEU A 36 0.31 -4.95 2.38
CA LEU A 36 -0.48 -5.31 1.20
C LEU A 36 -1.92 -4.87 1.42
N PRO A 37 -2.72 -4.72 0.36
CA PRO A 37 -4.18 -4.63 0.50
C PRO A 37 -4.74 -5.90 1.17
N ARG A 38 -5.67 -5.75 2.10
CA ARG A 38 -6.26 -6.89 2.85
C ARG A 38 -6.75 -7.94 1.85
N HIS A 39 -7.36 -7.50 0.75
CA HIS A 39 -8.06 -8.43 -0.16
C HIS A 39 -7.06 -9.21 -1.00
N SER A 40 -5.77 -8.94 -0.93
CA SER A 40 -4.76 -9.89 -1.48
C SER A 40 -4.76 -11.22 -0.72
N GLN A 41 -5.21 -11.19 0.53
CA GLN A 41 -5.34 -12.38 1.42
C GLN A 41 -4.10 -13.26 1.35
N PRO A 42 -2.91 -12.79 1.75
CA PRO A 42 -1.72 -13.63 1.69
C PRO A 42 -1.88 -14.86 2.60
N GLY A 43 -1.39 -16.02 2.13
CA GLY A 43 -1.36 -17.26 2.90
C GLY A 43 -0.01 -17.49 3.55
N LYS A 44 0.46 -18.73 3.47
CA LYS A 44 1.66 -19.23 4.16
C LYS A 44 2.88 -18.88 3.32
N THR A 45 2.68 -18.78 2.01
CA THR A 45 3.74 -18.34 1.08
C THR A 45 3.20 -17.29 0.10
N ILE A 46 4.11 -16.54 -0.48
CA ILE A 46 3.77 -15.53 -1.50
C ILE A 46 4.91 -15.49 -2.52
N TRP A 47 4.55 -15.41 -3.80
CA TRP A 47 5.47 -15.06 -4.91
C TRP A 47 5.89 -13.59 -4.75
N VAL A 48 7.16 -13.38 -4.49
CA VAL A 48 7.78 -12.02 -4.49
C VAL A 48 8.83 -11.97 -5.61
N GLU A 49 8.58 -11.18 -6.64
CA GLU A 49 9.48 -11.11 -7.83
C GLU A 49 9.71 -12.56 -8.33
N HIS A 50 8.65 -13.36 -8.46
CA HIS A 50 8.70 -14.72 -9.07
C HIS A 50 9.46 -15.75 -8.22
N LYS A 51 9.89 -15.43 -6.99
CA LYS A 51 10.46 -16.40 -6.02
C LYS A 51 9.44 -16.65 -4.90
N LEU A 52 9.28 -17.91 -4.51
CA LEU A 52 8.42 -18.35 -3.39
C LEU A 52 9.05 -17.95 -2.07
N VAL A 53 8.30 -17.22 -1.26
CA VAL A 53 8.76 -16.64 0.03
C VAL A 53 7.73 -17.01 1.10
N ARG A 54 8.24 -17.47 2.24
CA ARG A 54 7.40 -17.84 3.38
C ARG A 54 6.95 -16.58 4.09
N ILE A 55 5.69 -16.58 4.49
CA ILE A 55 5.13 -15.58 5.41
C ILE A 55 5.21 -16.17 6.82
N VAL A 56 6.08 -15.60 7.64
CA VAL A 56 6.20 -15.92 9.08
C VAL A 56 4.90 -15.56 9.81
N ASP A 57 4.25 -14.46 9.40
CA ASP A 57 3.12 -13.85 10.15
C ASP A 57 2.44 -12.80 9.28
N ALA A 58 1.13 -12.63 9.48
CA ALA A 58 0.25 -11.73 8.74
C ALA A 58 -0.83 -11.24 9.71
N VAL A 59 -1.15 -9.95 9.70
CA VAL A 59 -2.24 -9.37 10.54
C VAL A 59 -3.03 -8.43 9.67
N GLU A 60 -4.36 -8.55 9.67
CA GLU A 60 -5.32 -7.61 9.02
C GLU A 60 -5.54 -6.43 9.96
N LEU A 61 -5.11 -5.25 9.58
CA LEU A 61 -5.15 -4.08 10.49
C LEU A 61 -6.58 -3.58 10.67
N VAL A 62 -6.90 -3.10 11.87
CA VAL A 62 -8.25 -2.56 12.24
C VAL A 62 -8.06 -1.22 12.94
N ASP A 63 -9.07 -0.38 12.94
CA ASP A 63 -9.07 0.83 13.80
C ASP A 63 -9.43 0.42 15.25
N GLU A 64 -9.36 1.36 16.19
CA GLU A 64 -9.59 1.21 17.66
C GLU A 64 -10.83 0.34 17.93
N GLN A 65 -11.91 0.56 17.18
CA GLN A 65 -13.17 -0.19 17.32
C GLN A 65 -13.19 -1.47 16.48
N GLY A 66 -12.08 -1.92 15.88
CA GLY A 66 -12.08 -3.17 15.13
C GLY A 66 -12.64 -2.99 13.72
N VAL A 67 -12.76 -1.79 13.22
CA VAL A 67 -13.21 -1.62 11.81
C VAL A 67 -12.04 -1.84 10.85
N ASN A 68 -12.32 -2.55 9.76
CA ASN A 68 -11.37 -2.79 8.66
C ASN A 68 -10.67 -1.49 8.22
N LEU A 69 -9.36 -1.55 8.02
CA LEU A 69 -8.56 -0.51 7.32
C LEU A 69 -8.12 -0.97 5.93
N GLU A 70 -8.44 -2.20 5.53
CA GLU A 70 -8.13 -2.78 4.19
C GLU A 70 -6.61 -2.90 4.00
N LEU A 71 -5.85 -3.13 5.06
CA LEU A 71 -4.40 -3.37 5.01
C LEU A 71 -4.09 -4.66 5.75
N THR A 72 -3.07 -5.41 5.27
CA THR A 72 -2.51 -6.57 5.98
C THR A 72 -1.01 -6.37 6.10
N LEU A 73 -0.47 -6.49 7.31
CA LEU A 73 0.98 -6.44 7.59
C LEU A 73 1.50 -7.86 7.47
N VAL A 74 2.56 -8.09 6.71
CA VAL A 74 3.21 -9.41 6.64
C VAL A 74 4.66 -9.31 7.11
N THR A 75 5.07 -10.34 7.84
CA THR A 75 6.48 -10.61 8.14
C THR A 75 6.93 -11.70 7.19
N LEU A 76 7.96 -11.38 6.41
CA LEU A 76 8.47 -12.20 5.30
C LEU A 76 9.74 -12.89 5.77
N ASP A 77 9.93 -14.14 5.36
CA ASP A 77 11.20 -14.89 5.56
C ASP A 77 12.19 -14.52 4.45
N THR A 78 12.63 -13.27 4.39
CA THR A 78 13.58 -12.71 3.38
C THR A 78 14.99 -12.71 3.98
N ASN A 79 16.05 -12.65 3.17
CA ASN A 79 17.44 -12.64 3.70
C ASN A 79 17.83 -11.25 4.17
N GLU A 80 17.51 -10.22 3.38
CA GLU A 80 17.93 -8.81 3.65
C GLU A 80 16.70 -8.03 4.13
N LYS A 81 16.95 -6.94 4.84
CA LYS A 81 15.92 -6.03 5.38
C LYS A 81 15.62 -4.94 4.36
N PHE A 82 14.38 -4.46 4.33
CA PHE A 82 13.95 -3.28 3.53
C PHE A 82 14.57 -2.04 4.15
N ARG A 83 14.99 -1.06 3.36
CA ARG A 83 15.30 0.31 3.85
C ARG A 83 14.10 0.75 4.69
N ASP A 84 14.37 1.34 5.85
CA ASP A 84 13.31 1.78 6.76
C ASP A 84 12.78 3.10 6.20
N ILE A 85 11.51 3.13 5.82
CA ILE A 85 10.89 4.35 5.24
C ILE A 85 9.85 4.90 6.21
N THR A 86 9.83 4.41 7.46
CA THR A 86 8.77 4.82 8.41
C THR A 86 8.85 6.34 8.62
N ARG A 87 10.02 6.96 8.57
CA ARG A 87 10.12 8.43 8.76
C ARG A 87 9.43 9.15 7.58
N PHE A 88 9.14 8.49 6.45
CA PHE A 88 8.39 9.14 5.34
C PHE A 88 6.89 8.97 5.49
N ILE A 89 6.45 8.16 6.44
CA ILE A 89 5.01 7.96 6.69
C ILE A 89 4.54 9.00 7.69
N PRO A 90 3.46 9.75 7.40
CA PRO A 90 3.02 10.80 8.32
C PRO A 90 2.48 10.14 9.60
N GLU A 91 2.57 10.85 10.73
CA GLU A 91 1.95 10.43 12.01
C GLU A 91 0.44 10.56 11.93
N THR A 92 -0.08 11.61 11.32
CA THR A 92 -1.55 11.79 11.18
C THR A 92 -1.90 11.89 9.70
N ILE A 93 -3.10 11.46 9.35
CA ILE A 93 -3.57 11.40 7.96
C ILE A 93 -3.89 12.82 7.56
N SER A 94 -3.26 13.32 6.49
CA SER A 94 -3.50 14.68 5.96
C SER A 94 -3.70 14.59 4.47
N PRO A 95 -4.42 15.54 3.87
CA PRO A 95 -4.53 15.62 2.42
C PRO A 95 -3.17 15.98 1.81
N ALA A 96 -2.94 15.71 0.53
CA ALA A 96 -1.70 16.11 -0.16
C ALA A 96 -2.03 16.51 -1.60
N SER A 97 -1.17 17.34 -2.17
CA SER A 97 -1.16 17.81 -3.57
C SER A 97 -0.16 16.96 -4.35
N ASP A 98 -0.37 16.84 -5.65
CA ASP A 98 0.67 16.42 -6.63
C ASP A 98 1.17 15.00 -6.31
N ALA A 99 0.26 14.09 -6.02
CA ALA A 99 0.63 12.73 -5.61
C ALA A 99 0.86 11.88 -6.85
N THR A 100 1.71 10.87 -6.71
CA THR A 100 2.00 9.82 -7.69
C THR A 100 1.67 8.47 -7.05
N LEU A 101 1.07 7.61 -7.84
CA LEU A 101 0.81 6.21 -7.53
C LEU A 101 1.95 5.42 -8.18
N VAL A 102 2.73 4.71 -7.37
CA VAL A 102 3.86 3.88 -7.83
C VAL A 102 3.40 2.43 -7.79
N ILE A 103 3.35 1.83 -8.96
CA ILE A 103 2.76 0.48 -9.16
C ILE A 103 3.83 -0.41 -9.77
N ASN A 104 3.83 -1.71 -9.43
CA ASN A 104 4.64 -2.74 -10.12
C ASN A 104 4.05 -4.15 -9.97
N THR A 105 3.23 -4.58 -10.94
CA THR A 105 2.70 -5.96 -11.09
C THR A 105 2.97 -6.48 -12.50
N GLU A 106 2.74 -7.78 -12.72
CA GLU A 106 2.80 -8.41 -14.06
C GLU A 106 1.82 -7.71 -15.00
N HIS A 107 0.59 -7.49 -14.55
CA HIS A 107 -0.43 -6.75 -15.31
C HIS A 107 -0.02 -5.29 -15.55
N MET A 108 0.76 -4.66 -14.65
CA MET A 108 1.09 -3.21 -14.69
C MET A 108 2.53 -3.01 -14.23
N PRO A 109 3.51 -3.35 -15.10
CA PRO A 109 4.92 -3.27 -14.72
C PRO A 109 5.39 -1.84 -14.44
N SER A 110 6.35 -1.66 -13.53
CA SER A 110 6.94 -0.39 -13.04
C SER A 110 6.33 0.82 -13.74
N MET A 111 5.35 1.47 -13.09
CA MET A 111 4.76 2.69 -13.66
C MET A 111 4.51 3.73 -12.57
N PHE A 112 4.60 4.98 -12.97
CA PHE A 112 4.38 6.16 -12.12
C PHE A 112 3.16 6.86 -12.67
N VAL A 113 2.10 6.92 -11.88
CA VAL A 113 0.83 7.54 -12.32
C VAL A 113 0.58 8.77 -11.48
N PRO A 114 0.69 9.98 -12.05
CA PRO A 114 0.24 11.22 -11.41
C PRO A 114 -1.27 11.19 -11.13
N VAL A 115 -1.71 11.32 -9.89
CA VAL A 115 -3.15 11.22 -9.58
C VAL A 115 -3.65 12.55 -9.06
N GLY A 116 -2.79 13.54 -8.84
CA GLY A 116 -3.20 14.87 -8.34
C GLY A 116 -3.40 14.86 -6.84
N ASP A 117 -4.42 15.53 -6.36
CA ASP A 117 -4.71 15.74 -4.92
C ASP A 117 -5.23 14.42 -4.33
N VAL A 118 -4.84 14.14 -3.10
CA VAL A 118 -5.30 12.96 -2.34
C VAL A 118 -5.95 13.50 -1.08
N VAL A 119 -7.21 13.21 -0.87
CA VAL A 119 -7.94 13.80 0.28
C VAL A 119 -8.64 12.69 1.06
N GLN A 120 -8.89 12.95 2.33
CA GLN A 120 -9.57 12.00 3.24
C GLN A 120 -10.98 11.82 2.77
N TYR A 121 -11.37 10.57 2.68
CA TYR A 121 -12.71 10.15 2.23
C TYR A 121 -13.40 9.64 3.49
N GLY A 122 -12.74 8.78 4.28
CA GLY A 122 -13.32 8.18 5.51
C GLY A 122 -14.00 6.83 5.25
N PHE A 123 -15.30 6.78 5.48
CA PHE A 123 -16.09 5.53 5.49
C PHE A 123 -16.32 5.06 4.05
N LEU A 124 -16.07 3.78 3.82
CA LEU A 124 -16.31 3.11 2.51
C LEU A 124 -16.88 1.74 2.86
N ASN A 125 -17.86 1.28 2.12
CA ASN A 125 -18.29 -0.13 2.13
C ASN A 125 -17.46 -0.87 1.07
N LEU A 126 -16.62 -1.81 1.48
CA LEU A 126 -15.68 -2.48 0.56
C LEU A 126 -16.07 -3.95 0.42
N SER A 127 -16.70 -4.36 -0.69
CA SER A 127 -17.30 -5.72 -0.82
C SER A 127 -18.10 -6.03 0.45
N GLY A 128 -18.86 -5.07 0.95
CA GLY A 128 -19.75 -5.28 2.11
C GLY A 128 -19.05 -5.20 3.45
N LYS A 129 -17.78 -4.83 3.53
CA LYS A 129 -17.07 -4.61 4.82
C LYS A 129 -16.97 -3.11 5.09
N PRO A 130 -17.51 -2.64 6.22
CA PRO A 130 -17.27 -1.27 6.62
C PRO A 130 -15.75 -1.06 6.74
N THR A 131 -15.23 0.03 6.19
CA THR A 131 -13.80 0.35 6.11
C THR A 131 -13.62 1.81 6.48
N HIS A 132 -12.59 2.12 7.28
CA HIS A 132 -12.32 3.50 7.76
C HIS A 132 -11.00 3.99 7.21
N ARG A 133 -10.80 5.31 7.27
CA ARG A 133 -9.50 5.98 6.99
C ARG A 133 -9.09 5.86 5.52
N THR A 134 -10.04 5.74 4.61
CA THR A 134 -9.76 5.70 3.14
C THR A 134 -9.55 7.12 2.67
N MET A 135 -8.79 7.26 1.58
CA MET A 135 -8.56 8.53 0.89
C MET A 135 -8.91 8.35 -0.58
N MET A 136 -9.03 9.47 -1.27
CA MET A 136 -9.55 9.51 -2.64
C MET A 136 -8.70 10.47 -3.47
N TYR A 137 -8.52 10.10 -4.73
CA TYR A 137 -7.89 10.93 -5.77
C TYR A 137 -8.78 10.85 -7.01
N ASN A 138 -8.75 11.93 -7.79
CA ASN A 138 -9.65 12.10 -8.93
C ASN A 138 -8.95 11.49 -10.15
N PHE A 139 -8.65 10.21 -10.15
CA PHE A 139 -7.99 9.48 -11.25
C PHE A 139 -8.69 8.14 -11.43
N PRO A 140 -9.05 7.82 -12.70
CA PRO A 140 -9.75 6.54 -12.99
C PRO A 140 -8.81 5.32 -12.89
N THR A 141 -8.52 4.86 -11.67
CA THR A 141 -7.60 3.72 -11.44
C THR A 141 -8.25 2.48 -12.01
N LYS A 142 -7.47 1.47 -12.32
CA LYS A 142 -7.98 0.27 -12.99
C LYS A 142 -7.32 -1.02 -12.48
N ALA A 143 -7.80 -2.13 -13.02
CA ALA A 143 -7.32 -3.50 -12.80
C ALA A 143 -5.81 -3.47 -12.70
N GLY A 144 -5.26 -4.07 -11.64
CA GLY A 144 -3.82 -4.35 -11.56
C GLY A 144 -3.04 -3.23 -10.89
N GLN A 145 -3.69 -2.19 -10.39
CA GLN A 145 -3.06 -1.07 -9.63
C GLN A 145 -3.17 -1.27 -8.10
N CYS A 146 -3.81 -2.32 -7.59
CA CYS A 146 -3.94 -2.54 -6.12
C CYS A 146 -2.60 -2.81 -5.45
N GLY A 147 -2.41 -2.20 -4.28
CA GLY A 147 -1.13 -2.23 -3.58
C GLY A 147 -0.25 -1.07 -4.00
N GLY A 148 -0.59 -0.43 -5.11
CA GLY A 148 0.13 0.76 -5.61
C GLY A 148 0.34 1.77 -4.51
N VAL A 149 1.51 2.38 -4.46
CA VAL A 149 1.90 3.23 -3.31
C VAL A 149 1.67 4.69 -3.67
N VAL A 150 0.87 5.39 -2.86
CA VAL A 150 0.58 6.82 -2.99
C VAL A 150 1.68 7.60 -2.27
N THR A 151 2.40 8.45 -2.99
CA THR A 151 3.55 9.27 -2.52
C THR A 151 3.29 10.69 -2.97
N ALA A 152 3.72 11.66 -2.18
CA ALA A 152 3.57 13.10 -2.49
C ALA A 152 4.60 13.83 -1.64
N VAL A 153 5.54 14.55 -2.27
CA VAL A 153 6.35 15.59 -1.56
C VAL A 153 7.20 14.87 -0.51
N GLY A 154 7.92 13.83 -0.88
CA GLY A 154 8.73 12.97 0.01
C GLY A 154 7.92 12.26 1.11
N LYS A 155 6.64 11.94 0.90
CA LYS A 155 5.83 11.23 1.93
C LYS A 155 5.13 10.03 1.30
N VAL A 156 5.02 8.94 2.06
CA VAL A 156 4.32 7.68 1.67
C VAL A 156 3.00 7.68 2.44
N ILE A 157 1.88 7.83 1.76
CA ILE A 157 0.62 8.21 2.47
C ILE A 157 -0.49 7.19 2.28
N GLY A 158 -0.40 6.28 1.30
CA GLY A 158 -1.50 5.33 1.10
C GLY A 158 -1.14 4.16 0.23
N ILE A 159 -2.06 3.18 0.24
CA ILE A 159 -2.01 1.93 -0.55
C ILE A 159 -3.32 1.84 -1.33
N HIS A 160 -3.22 1.74 -2.65
CA HIS A 160 -4.39 1.74 -3.55
C HIS A 160 -5.21 0.48 -3.31
N ILE A 161 -6.54 0.62 -3.16
CA ILE A 161 -7.41 -0.57 -2.90
C ILE A 161 -8.62 -0.66 -3.82
N GLY A 162 -9.03 0.42 -4.48
CA GLY A 162 -10.25 0.35 -5.29
C GLY A 162 -10.54 1.60 -6.10
N GLY A 163 -11.55 1.50 -6.94
CA GLY A 163 -11.96 2.57 -7.85
C GLY A 163 -13.40 2.42 -8.23
N ASN A 164 -13.98 3.48 -8.77
CA ASN A 164 -15.39 3.45 -9.23
C ASN A 164 -15.44 3.76 -10.72
N GLY A 165 -14.30 3.80 -11.40
CA GLY A 165 -14.20 4.12 -12.83
C GLY A 165 -13.90 5.58 -13.06
N ARG A 166 -13.96 6.40 -12.03
CA ARG A 166 -13.77 7.87 -12.15
C ARG A 166 -12.69 8.30 -11.16
N GLN A 167 -12.82 7.86 -9.92
CA GLN A 167 -11.92 8.14 -8.81
C GLN A 167 -11.27 6.85 -8.34
N GLY A 168 -10.21 7.03 -7.60
CA GLY A 168 -9.43 5.94 -6.97
C GLY A 168 -9.35 6.16 -5.48
N PHE A 169 -9.27 5.07 -4.73
CA PHE A 169 -9.31 5.06 -3.27
C PHE A 169 -8.12 4.27 -2.74
N CYS A 170 -7.48 4.81 -1.72
CA CYS A 170 -6.39 4.13 -1.01
C CYS A 170 -6.73 4.00 0.47
N ALA A 171 -6.11 3.03 1.14
CA ALA A 171 -6.04 2.93 2.60
C ALA A 171 -4.88 3.83 3.02
N ALA A 172 -5.17 4.80 3.90
CA ALA A 172 -4.16 5.68 4.49
C ALA A 172 -3.11 4.90 5.27
N LEU A 173 -1.87 5.36 5.20
CA LEU A 173 -0.79 4.86 6.10
C LEU A 173 -0.49 5.93 7.14
N LYS A 174 -0.32 5.45 8.38
CA LYS A 174 0.16 6.22 9.55
C LYS A 174 1.41 5.53 10.10
N ARG A 175 2.31 6.32 10.65
CA ARG A 175 3.62 5.81 11.12
C ARG A 175 3.33 4.84 12.26
N GLY A 176 2.33 5.13 13.08
CA GLY A 176 1.98 4.29 14.23
C GLY A 176 1.64 2.87 13.81
N TYR A 177 1.27 2.64 12.55
CA TYR A 177 0.93 1.26 12.10
C TYR A 177 2.17 0.36 12.14
N PHE A 178 3.37 0.93 12.17
CA PHE A 178 4.63 0.14 12.07
C PHE A 178 5.42 0.29 13.38
N CYS A 179 4.74 0.49 14.51
CA CYS A 179 5.29 0.99 15.79
C CYS A 179 4.24 0.77 16.91
N SER A 180 4.61 0.02 17.95
CA SER A 180 3.72 -0.39 19.07
C SER A 180 3.45 0.78 20.05
N GLU A 181 4.25 1.84 19.97
CA GLU A 181 4.21 3.04 20.87
C GLU A 181 3.02 3.93 20.49
N GLN A 182 2.68 3.99 19.21
CA GLN A 182 1.49 4.70 18.69
C GLN A 182 0.65 3.69 17.90
C1 I70 B . -6.59 -4.65 -8.22
C11 I70 B . -14.78 -2.21 -6.80
C12 I70 B . -13.36 -2.31 -6.25
C13 I70 B . -14.04 -4.41 -5.05
C14 I70 B . -11.69 -3.65 -5.13
C15 I70 B . -10.87 -3.95 -6.38
C16 I70 B . -13.18 -5.31 -4.16
C17 I70 B . -8.77 -3.49 -7.54
C18 I70 B . -12.52 -4.75 -2.93
C19 I70 B . -8.57 -2.09 -8.11
C20 I70 B . -9.81 -1.55 -8.83
C21 I70 B . -10.27 -2.40 -10.01
C22 I70 B . -10.78 -1.40 -11.05
C23 I70 B . -12.92 -3.40 -2.40
C24 I70 B . -9.58 -0.19 -9.45
C25 I70 B . -12.20 -5.73 -1.80
C26 I70 B . -14.76 -4.14 -8.50
C27 I70 B . -13.80 1.70 -3.58
C28 I70 B . -15.55 3.23 -4.52
C29 I70 B . -16.21 1.45 -2.91
C30 I70 B . -14.98 -2.63 -8.28
C31 I70 B . -16.42 -2.33 -8.68
C32 I70 B . -14.01 -1.86 -9.19
C34 I70 B . -11.74 -4.84 -4.22
C7 I70 B . -15.25 1.82 -4.04
C8 I70 B . -7.50 -4.24 -7.07
C9 I70 B . -15.24 -0.37 -5.29
N10 I70 B . -15.24 -0.87 -6.53
N13 I70 B . -13.09 -3.38 -5.50
N16 I70 B . -9.67 -3.39 -6.40
N2 I70 B . -6.18 -6.03 -8.25
N23 I70 B . -10.23 -0.13 -10.61
N8 I70 B . -15.43 0.96 -5.23
O26 I70 B . -8.90 0.74 -8.94
O29 I70 B . -15.10 -1.07 -4.30
O33 I70 B . -12.50 -1.44 -6.50
O38 I70 B . -11.37 -4.58 -7.33
O5 I70 B . -6.22 -3.89 -9.10
O9 I70 B . -7.91 -5.43 -6.36
NA NA C . -0.54 -2.86 -8.15
#